data_8GDU
#
_entry.id   8GDU
#
_cell.length_a   109.950
_cell.length_b   109.950
_cell.length_c   39.124
_cell.angle_alpha   90.00
_cell.angle_beta   90.00
_cell.angle_gamma   90.00
#
_symmetry.space_group_name_H-M   'P 42 21 2'
#
loop_
_entity.id
_entity.type
_entity.pdbx_description
1 polymer 'Methyltransferase domain-containing protein'
2 non-polymer S-ADENOSYL-L-HOMOCYSTEINE
3 water water
#
_entity_poly.entity_id   1
_entity_poly.type   'polypeptide(L)'
_entity_poly.pdbx_seq_one_letter_code
;MFWDEVYRGTPPWDIDHPQPAFQALIESGEIRPGRALDIGCGRGENAIMLARNGCDVTGIDLARRAISDARAKAIERHVK
VNFIVGNVLEMDQLFTEDEFDIVIDSGLFHVITDEERLLFTRHVHRVLREGGRYFMLCFSDREPGEYELPRRASRAEIES
TFSPLFNIIYIRDVIFDSLLNPGRRQAYLLSATRLEHHHHHH
;
_entity_poly.pdbx_strand_id   A
#
# COMPACT_ATOMS: atom_id res chain seq x y z
N MET A 1 6.11 17.94 10.75
CA MET A 1 6.53 17.17 9.58
C MET A 1 5.31 17.12 8.62
N PHE A 2 5.57 17.12 7.31
CA PHE A 2 4.51 17.34 6.32
C PHE A 2 3.36 16.34 6.48
N TRP A 3 3.67 15.06 6.67
CA TRP A 3 2.60 14.07 6.75
C TRP A 3 1.82 14.17 8.06
N ASP A 4 2.42 14.67 9.13
CA ASP A 4 1.62 15.02 10.30
C ASP A 4 0.61 16.10 9.97
N GLU A 5 1.01 17.08 9.16
CA GLU A 5 0.09 18.16 8.82
C GLU A 5 -1.06 17.65 7.95
N VAL A 6 -0.79 16.71 7.04
CA VAL A 6 -1.92 16.31 6.20
C VAL A 6 -2.98 15.59 7.03
N TYR A 7 -2.59 14.82 8.03
CA TYR A 7 -3.58 14.09 8.81
C TYR A 7 -4.18 14.90 9.95
N ARG A 8 -3.85 16.19 10.07
CA ARG A 8 -4.73 17.09 10.81
C ARG A 8 -6.10 17.22 10.16
N GLY A 9 -6.23 16.92 8.86
CA GLY A 9 -7.50 17.01 8.18
C GLY A 9 -7.85 15.68 7.53
N THR A 10 -8.68 15.77 6.49
CA THR A 10 -9.07 14.61 5.69
C THR A 10 -8.55 14.82 4.27
N PRO A 11 -7.38 14.27 3.93
CA PRO A 11 -6.87 14.43 2.56
C PRO A 11 -7.76 13.73 1.55
N PRO A 12 -7.59 14.01 0.26
CA PRO A 12 -8.58 13.53 -0.72
C PRO A 12 -8.58 12.02 -0.93
N TRP A 13 -7.53 11.31 -0.51
CA TRP A 13 -7.52 9.85 -0.60
C TRP A 13 -8.14 9.19 0.63
N ASP A 14 -8.54 9.96 1.63
CA ASP A 14 -8.92 9.41 2.94
C ASP A 14 -10.40 9.03 2.96
N ILE A 15 -10.76 8.12 2.06
CA ILE A 15 -12.14 7.66 1.86
C ILE A 15 -12.55 6.76 3.02
N ASP A 16 -13.86 6.54 3.15
CA ASP A 16 -14.41 5.76 4.26
C ASP A 16 -14.52 4.28 3.94
N HIS A 17 -13.81 3.80 2.94
CA HIS A 17 -13.86 2.38 2.60
C HIS A 17 -12.54 2.01 1.93
N PRO A 18 -12.26 0.73 1.81
CA PRO A 18 -11.03 0.34 1.12
C PRO A 18 -11.09 0.68 -0.36
N GLN A 19 -9.93 0.81 -0.97
CA GLN A 19 -9.87 1.06 -2.41
C GLN A 19 -10.48 -0.12 -3.16
N PRO A 20 -11.37 0.12 -4.12
CA PRO A 20 -11.98 -1.01 -4.84
C PRO A 20 -10.97 -1.90 -5.52
N ALA A 21 -9.86 -1.34 -6.02
CA ALA A 21 -8.87 -2.18 -6.68
C ALA A 21 -8.33 -3.25 -5.74
N PHE A 22 -8.07 -2.89 -4.47
CA PHE A 22 -7.59 -3.90 -3.53
C PHE A 22 -8.71 -4.81 -3.07
N GLN A 23 -9.90 -4.26 -2.84
CA GLN A 23 -11.00 -5.12 -2.42
C GLN A 23 -11.32 -6.14 -3.51
N ALA A 24 -11.29 -5.72 -4.78
CA ALA A 24 -11.57 -6.66 -5.86
C ALA A 24 -10.54 -7.78 -5.91
N LEU A 25 -9.28 -7.46 -5.65
CA LEU A 25 -8.24 -8.50 -5.61
C LEU A 25 -8.57 -9.57 -4.59
N ILE A 26 -9.13 -9.16 -3.45
CA ILE A 26 -9.50 -10.10 -2.40
C ILE A 26 -10.75 -10.87 -2.76
N GLU A 27 -11.77 -10.16 -3.24
CA GLU A 27 -13.04 -10.83 -3.50
C GLU A 27 -12.95 -11.79 -4.67
N SER A 28 -12.06 -11.55 -5.62
CA SER A 28 -11.93 -12.47 -6.75
C SER A 28 -11.06 -13.67 -6.44
N GLY A 29 -10.34 -13.66 -5.32
CA GLY A 29 -9.41 -14.72 -5.03
C GLY A 29 -8.06 -14.56 -5.71
N GLU A 30 -7.85 -13.46 -6.42
CA GLU A 30 -6.53 -13.21 -6.99
C GLU A 30 -5.46 -13.16 -5.90
N ILE A 31 -5.81 -12.61 -4.75
CA ILE A 31 -4.95 -12.66 -3.55
C ILE A 31 -5.43 -13.79 -2.66
N ARG A 32 -4.52 -14.64 -2.22
CA ARG A 32 -4.85 -15.63 -1.21
C ARG A 32 -4.45 -15.10 0.16
N PRO A 33 -5.24 -15.29 1.20
CA PRO A 33 -4.90 -14.71 2.50
C PRO A 33 -3.51 -15.16 2.96
N GLY A 34 -2.76 -14.23 3.54
CA GLY A 34 -1.44 -14.53 4.01
C GLY A 34 -0.93 -13.41 4.91
N ARG A 35 0.37 -13.42 5.13
CA ARG A 35 1.02 -12.36 5.88
C ARG A 35 1.23 -11.13 4.99
N ALA A 36 0.62 -10.02 5.38
CA ALA A 36 0.51 -8.84 4.53
C ALA A 36 1.04 -7.60 5.24
N LEU A 37 1.72 -6.76 4.46
CA LEU A 37 2.22 -5.46 4.91
C LEU A 37 1.59 -4.39 4.05
N ASP A 38 1.00 -3.37 4.68
CA ASP A 38 0.46 -2.21 4.00
C ASP A 38 1.42 -1.07 4.27
N ILE A 39 2.18 -0.66 3.26
CA ILE A 39 3.18 0.40 3.43
C ILE A 39 2.55 1.75 3.15
N GLY A 40 2.75 2.70 4.08
CA GLY A 40 2.09 3.98 3.96
C GLY A 40 0.60 3.80 4.11
N CYS A 41 0.20 3.07 5.16
CA CYS A 41 -1.17 2.59 5.29
C CYS A 41 -2.17 3.69 5.61
N GLY A 42 -1.73 4.90 5.94
CA GLY A 42 -2.69 5.95 6.26
C GLY A 42 -3.62 5.54 7.39
N ARG A 43 -4.89 5.88 7.25
CA ARG A 43 -5.88 5.58 8.28
C ARG A 43 -6.46 4.17 8.19
N GLY A 44 -5.80 3.26 7.48
CA GLY A 44 -5.96 1.84 7.70
C GLY A 44 -7.08 1.11 6.98
N GLU A 45 -7.81 1.76 6.06
CA GLU A 45 -8.98 1.09 5.49
C GLU A 45 -8.58 -0.18 4.73
N ASN A 46 -7.52 -0.10 3.93
CA ASN A 46 -7.11 -1.26 3.13
C ASN A 46 -6.56 -2.37 4.02
N ALA A 47 -5.80 -2.00 5.06
CA ALA A 47 -5.24 -3.01 5.95
C ALA A 47 -6.34 -3.74 6.71
N ILE A 48 -7.35 -2.99 7.17
CA ILE A 48 -8.46 -3.59 7.90
C ILE A 48 -9.26 -4.53 7.00
N MET A 49 -9.49 -4.12 5.75
CA MET A 49 -10.16 -5.01 4.79
C MET A 49 -9.38 -6.30 4.58
N LEU A 50 -8.07 -6.19 4.39
CA LEU A 50 -7.24 -7.38 4.28
C LEU A 50 -7.39 -8.27 5.51
N ALA A 51 -7.41 -7.68 6.71
CA ALA A 51 -7.51 -8.47 7.93
C ALA A 51 -8.89 -9.13 8.06
N ARG A 52 -9.95 -8.42 7.69
CA ARG A 52 -11.27 -9.04 7.72
C ARG A 52 -11.41 -10.18 6.73
N ASN A 53 -10.50 -10.27 5.75
CA ASN A 53 -10.52 -11.37 4.81
C ASN A 53 -9.43 -12.40 5.09
N GLY A 54 -8.95 -12.47 6.32
CA GLY A 54 -8.12 -13.59 6.75
C GLY A 54 -6.62 -13.38 6.66
N CYS A 55 -6.18 -12.21 6.24
CA CYS A 55 -4.74 -11.93 6.22
C CYS A 55 -4.25 -11.56 7.61
N ASP A 56 -2.99 -11.90 7.87
CA ASP A 56 -2.27 -11.47 9.07
C ASP A 56 -1.54 -10.17 8.71
N VAL A 57 -2.04 -9.03 9.21
CA VAL A 57 -1.77 -7.74 8.57
C VAL A 57 -0.96 -6.83 9.49
N THR A 58 0.06 -6.21 8.93
CA THR A 58 0.81 -5.12 9.55
C THR A 58 0.68 -3.88 8.67
N GLY A 59 0.52 -2.73 9.29
CA GLY A 59 0.46 -1.48 8.56
C GLY A 59 1.46 -0.49 9.13
N ILE A 60 2.16 0.20 8.23
CA ILE A 60 3.19 1.16 8.63
C ILE A 60 2.94 2.50 7.97
N ASP A 61 3.15 3.57 8.74
CA ASP A 61 2.99 4.92 8.23
C ASP A 61 3.86 5.85 9.07
N LEU A 62 4.34 6.91 8.42
CA LEU A 62 5.15 7.92 9.11
C LEU A 62 4.34 8.74 10.10
N ALA A 63 3.03 8.92 9.87
CA ALA A 63 2.24 9.86 10.64
C ALA A 63 1.56 9.19 11.83
N ARG A 64 1.94 9.61 13.04
CA ARG A 64 1.38 9.00 14.25
C ARG A 64 -0.12 9.18 14.33
N ARG A 65 -0.65 10.32 13.86
CA ARG A 65 -2.09 10.51 13.89
C ARG A 65 -2.80 9.51 12.99
N ALA A 66 -2.25 9.22 11.82
CA ALA A 66 -2.89 8.22 10.97
C ALA A 66 -2.88 6.84 11.63
N ILE A 67 -1.75 6.46 12.22
CA ILE A 67 -1.64 5.17 12.89
C ILE A 67 -2.60 5.10 14.09
N SER A 68 -2.67 6.17 14.88
CA SER A 68 -3.59 6.17 16.02
C SER A 68 -5.04 6.06 15.55
N ASP A 69 -5.42 6.80 14.51
CA ASP A 69 -6.79 6.67 13.99
C ASP A 69 -7.03 5.29 13.40
N ALA A 70 -6.02 4.73 12.72
CA ALA A 70 -6.17 3.38 12.18
C ALA A 70 -6.40 2.36 13.29
N ARG A 71 -5.69 2.49 14.42
CA ARG A 71 -5.95 1.61 15.56
C ARG A 71 -7.37 1.78 16.09
N ALA A 72 -7.84 3.02 16.17
CA ALA A 72 -9.21 3.27 16.61
C ALA A 72 -10.22 2.56 15.70
N LYS A 73 -10.01 2.62 14.38
CA LYS A 73 -10.92 1.92 13.46
C LYS A 73 -10.89 0.43 13.65
N ALA A 74 -9.68 -0.13 13.81
CA ALA A 74 -9.54 -1.56 14.02
C ALA A 74 -10.30 -2.00 15.27
N ILE A 75 -10.18 -1.22 16.34
CA ILE A 75 -10.92 -1.53 17.55
C ILE A 75 -12.41 -1.45 17.30
N GLU A 76 -12.83 -0.38 16.62
CA GLU A 76 -14.25 -0.21 16.29
C GLU A 76 -14.80 -1.40 15.51
N ARG A 77 -14.02 -1.93 14.57
CA ARG A 77 -14.46 -3.00 13.70
C ARG A 77 -14.05 -4.38 14.19
N HIS A 78 -13.54 -4.48 15.43
CA HIS A 78 -13.21 -5.77 16.05
C HIS A 78 -12.28 -6.60 15.18
N VAL A 79 -11.21 -5.98 14.69
CA VAL A 79 -10.26 -6.64 13.82
C VAL A 79 -8.86 -6.40 14.37
N LYS A 80 -8.00 -7.40 14.26
CA LYS A 80 -6.64 -7.30 14.78
C LYS A 80 -5.69 -6.97 13.64
N VAL A 81 -4.99 -5.85 13.77
CA VAL A 81 -4.00 -5.40 12.82
C VAL A 81 -2.88 -4.77 13.62
N ASN A 82 -1.64 -5.03 13.24
CA ASN A 82 -0.52 -4.35 13.85
C ASN A 82 -0.27 -3.07 13.09
N PHE A 83 -0.68 -1.93 13.66
CA PHE A 83 -0.47 -0.61 13.05
C PHE A 83 0.68 0.06 13.78
N ILE A 84 1.76 0.39 13.06
CA ILE A 84 2.94 0.95 13.72
C ILE A 84 3.40 2.22 13.00
N VAL A 85 3.95 3.14 13.78
CA VAL A 85 4.61 4.31 13.23
C VAL A 85 5.98 3.90 12.74
N GLY A 86 6.30 4.24 11.49
CA GLY A 86 7.63 3.91 11.00
C GLY A 86 7.83 4.40 9.58
N ASN A 87 9.09 4.31 9.14
CA ASN A 87 9.54 4.81 7.84
C ASN A 87 9.85 3.60 6.95
N VAL A 88 9.19 3.55 5.79
CA VAL A 88 9.41 2.47 4.81
C VAL A 88 10.88 2.41 4.39
N LEU A 89 11.58 3.54 4.42
CA LEU A 89 12.99 3.56 4.07
C LEU A 89 13.88 3.11 5.23
N GLU A 90 13.30 2.67 6.35
CA GLU A 90 14.06 2.13 7.47
C GLU A 90 13.52 0.78 7.90
N MET A 91 12.90 0.05 6.97
CA MET A 91 12.29 -1.22 7.31
C MET A 91 13.30 -2.32 7.62
N ASP A 92 14.58 -2.11 7.32
CA ASP A 92 15.56 -3.08 7.78
C ASP A 92 15.72 -3.04 9.29
N GLN A 93 15.14 -2.04 9.96
CA GLN A 93 15.09 -2.01 11.41
C GLN A 93 13.80 -2.59 11.98
N LEU A 94 12.81 -2.88 11.14
CA LEU A 94 11.50 -3.29 11.64
C LEU A 94 11.13 -4.70 11.26
N PHE A 95 11.45 -5.12 10.03
CA PHE A 95 11.00 -6.41 9.51
C PHE A 95 12.19 -7.20 8.96
N THR A 96 12.02 -8.51 8.84
CA THR A 96 13.07 -9.34 8.27
C THR A 96 12.92 -9.41 6.76
N GLU A 97 13.98 -9.87 6.10
CA GLU A 97 13.75 -10.15 4.70
C GLU A 97 12.91 -11.40 4.56
N ASP A 98 12.26 -11.51 3.40
CA ASP A 98 11.45 -12.68 3.07
C ASP A 98 10.30 -12.86 4.05
N GLU A 99 9.76 -11.78 4.60
CA GLU A 99 8.76 -11.95 5.64
C GLU A 99 7.32 -12.02 5.12
N PHE A 100 6.99 -11.27 4.07
CA PHE A 100 5.59 -10.98 3.75
C PHE A 100 5.14 -11.68 2.48
N ASP A 101 3.98 -12.34 2.56
CA ASP A 101 3.35 -12.91 1.38
C ASP A 101 2.84 -11.81 0.44
N ILE A 102 2.37 -10.72 1.02
CA ILE A 102 1.68 -9.65 0.33
C ILE A 102 2.22 -8.34 0.84
N VAL A 103 2.56 -7.43 -0.07
CA VAL A 103 2.81 -6.04 0.27
C VAL A 103 1.84 -5.20 -0.57
N ILE A 104 1.03 -4.39 0.08
CA ILE A 104 0.19 -3.49 -0.70
C ILE A 104 0.67 -2.07 -0.46
N ASP A 105 0.53 -1.27 -1.52
CA ASP A 105 1.06 0.08 -1.60
C ASP A 105 -0.05 0.88 -2.27
N SER A 106 -0.81 1.61 -1.46
CA SER A 106 -1.92 2.42 -1.96
C SER A 106 -1.51 3.89 -1.90
N GLY A 107 -0.83 4.34 -2.95
CA GLY A 107 -0.45 5.74 -3.02
C GLY A 107 0.84 6.12 -2.31
N LEU A 108 1.61 5.16 -1.79
CA LEU A 108 2.90 5.50 -1.20
C LEU A 108 3.98 5.70 -2.27
N PHE A 109 4.14 4.74 -3.18
CA PHE A 109 5.17 4.91 -4.21
C PHE A 109 5.04 6.24 -4.92
N HIS A 110 3.79 6.70 -5.11
CA HIS A 110 3.52 7.96 -5.81
C HIS A 110 4.23 9.14 -5.16
N VAL A 111 4.45 9.12 -3.85
CA VAL A 111 4.98 10.27 -3.13
C VAL A 111 6.43 10.08 -2.71
N ILE A 112 7.04 8.93 -3.01
CA ILE A 112 8.47 8.75 -2.73
C ILE A 112 9.28 9.69 -3.63
N THR A 113 10.23 10.42 -3.04
CA THR A 113 11.04 11.34 -3.83
C THR A 113 11.91 10.60 -4.83
N ASP A 114 12.19 11.25 -5.96
CA ASP A 114 12.94 10.58 -7.01
C ASP A 114 14.32 10.14 -6.52
N GLU A 115 14.93 10.91 -5.61
CA GLU A 115 16.23 10.53 -5.07
C GLU A 115 16.17 9.22 -4.30
N GLU A 116 15.04 8.92 -3.67
CA GLU A 116 14.94 7.76 -2.79
C GLU A 116 14.19 6.61 -3.43
N ARG A 117 13.87 6.70 -4.72
CA ARG A 117 13.08 5.68 -5.39
C ARG A 117 13.80 4.34 -5.45
N LEU A 118 15.10 4.36 -5.72
CA LEU A 118 15.83 3.10 -5.78
C LEU A 118 15.91 2.45 -4.40
N LEU A 119 16.22 3.23 -3.38
CA LEU A 119 16.23 2.72 -2.02
C LEU A 119 14.87 2.14 -1.62
N PHE A 120 13.79 2.82 -2.02
CA PHE A 120 12.43 2.31 -1.78
C PHE A 120 12.26 0.92 -2.36
N THR A 121 12.60 0.73 -3.64
CA THR A 121 12.36 -0.58 -4.25
C THR A 121 13.17 -1.67 -3.57
N ARG A 122 14.37 -1.32 -3.08
CA ARG A 122 15.22 -2.29 -2.40
C ARG A 122 14.60 -2.73 -1.07
N HIS A 123 14.04 -1.79 -0.32
CA HIS A 123 13.40 -2.12 0.95
C HIS A 123 12.16 -2.98 0.74
N VAL A 124 11.36 -2.67 -0.28
CA VAL A 124 10.16 -3.47 -0.57
C VAL A 124 10.57 -4.87 -1.02
N HIS A 125 11.52 -4.95 -1.95
CA HIS A 125 12.05 -6.24 -2.39
C HIS A 125 12.56 -7.06 -1.22
N ARG A 126 13.24 -6.41 -0.28
CA ARG A 126 13.85 -7.13 0.83
C ARG A 126 12.80 -7.86 1.68
N VAL A 127 11.69 -7.20 2.01
CA VAL A 127 10.74 -7.80 2.95
C VAL A 127 9.71 -8.71 2.29
N LEU A 128 9.66 -8.74 0.96
CA LEU A 128 8.74 -9.62 0.24
C LEU A 128 9.33 -11.03 0.15
N ARG A 129 8.48 -12.04 0.37
CA ARG A 129 8.92 -13.42 0.21
C ARG A 129 9.16 -13.75 -1.26
N GLU A 130 10.04 -14.73 -1.50
CA GLU A 130 10.17 -15.26 -2.84
C GLU A 130 8.81 -15.77 -3.31
N GLY A 131 8.35 -15.25 -4.45
CA GLY A 131 7.04 -15.63 -4.94
C GLY A 131 5.89 -14.92 -4.27
N GLY A 132 6.17 -13.96 -3.38
CA GLY A 132 5.13 -13.11 -2.83
C GLY A 132 4.64 -12.14 -3.90
N ARG A 133 3.72 -11.27 -3.47
CA ARG A 133 3.08 -10.34 -4.39
C ARG A 133 3.16 -8.94 -3.83
N TYR A 134 3.66 -8.01 -4.65
CA TYR A 134 3.63 -6.58 -4.38
C TYR A 134 2.57 -5.98 -5.28
N PHE A 135 1.60 -5.29 -4.68
CA PHE A 135 0.53 -4.61 -5.42
C PHE A 135 0.64 -3.11 -5.14
N MET A 136 0.78 -2.32 -6.21
CA MET A 136 1.02 -0.88 -6.07
C MET A 136 -0.03 -0.16 -6.90
N LEU A 137 -0.80 0.69 -6.24
CA LEU A 137 -1.88 1.45 -6.85
C LEU A 137 -1.46 2.91 -6.91
N CYS A 138 -1.50 3.52 -8.10
CA CYS A 138 -1.13 4.92 -8.23
C CYS A 138 -1.91 5.57 -9.37
N PHE A 139 -1.84 6.89 -9.44
CA PHE A 139 -2.57 7.61 -10.48
C PHE A 139 -1.95 7.39 -11.85
N SER A 140 -2.82 7.31 -12.86
CA SER A 140 -2.37 7.17 -14.25
C SER A 140 -2.41 8.50 -14.98
N ARG A 151 -0.34 8.68 -17.67
CA ARG A 151 -0.94 8.12 -18.87
C ARG A 151 0.01 7.11 -19.50
N ARG A 152 0.48 7.39 -20.71
CA ARG A 152 1.37 6.46 -21.39
C ARG A 152 2.73 6.39 -20.70
N ALA A 153 3.29 7.55 -20.32
CA ALA A 153 4.58 7.58 -19.63
C ALA A 153 4.47 7.17 -18.18
N SER A 154 3.30 7.31 -17.56
CA SER A 154 3.13 6.76 -16.22
C SER A 154 3.40 5.27 -16.21
N ARG A 155 2.92 4.55 -17.23
CA ARG A 155 3.14 3.11 -17.28
C ARG A 155 4.61 2.78 -17.54
N ALA A 156 5.27 3.60 -18.35
CA ALA A 156 6.68 3.36 -18.68
C ALA A 156 7.60 3.58 -17.47
N GLU A 157 7.27 4.52 -16.60
CA GLU A 157 8.17 4.74 -15.47
C GLU A 157 7.94 3.74 -14.35
N ILE A 158 6.69 3.29 -14.16
CA ILE A 158 6.44 2.14 -13.28
C ILE A 158 7.29 0.95 -13.72
N GLU A 159 7.24 0.62 -15.01
CA GLU A 159 8.02 -0.48 -15.56
C GLU A 159 9.51 -0.29 -15.34
N SER A 160 10.03 0.89 -15.64
CA SER A 160 11.47 1.11 -15.50
C SER A 160 11.88 1.11 -14.03
N THR A 161 11.01 1.56 -13.15
CA THR A 161 11.35 1.64 -11.74
C THR A 161 11.44 0.25 -11.11
N PHE A 162 10.51 -0.64 -11.45
CA PHE A 162 10.39 -1.90 -10.74
C PHE A 162 10.98 -3.09 -11.48
N SER A 163 11.17 -3.01 -12.80
CA SER A 163 11.61 -4.19 -13.53
C SER A 163 13.00 -4.69 -13.17
N PRO A 164 13.98 -3.85 -12.76
CA PRO A 164 15.27 -4.43 -12.33
C PRO A 164 15.13 -5.42 -11.18
N LEU A 165 14.33 -5.11 -10.16
CA LEU A 165 14.29 -5.94 -8.97
C LEU A 165 13.11 -6.90 -8.95
N PHE A 166 12.05 -6.60 -9.68
CA PHE A 166 10.82 -7.36 -9.60
C PHE A 166 10.51 -7.97 -10.96
N ASN A 167 9.86 -9.14 -10.92
CA ASN A 167 9.19 -9.69 -12.09
C ASN A 167 7.84 -9.01 -12.19
N ILE A 168 7.65 -8.14 -13.20
CA ILE A 168 6.37 -7.49 -13.35
C ILE A 168 5.36 -8.48 -13.90
N ILE A 169 4.25 -8.63 -13.20
CA ILE A 169 3.18 -9.53 -13.62
C ILE A 169 2.26 -8.77 -14.56
N TYR A 170 1.73 -7.65 -14.11
CA TYR A 170 0.96 -6.78 -15.00
C TYR A 170 0.97 -5.36 -14.48
N ILE A 171 0.55 -4.45 -15.35
CA ILE A 171 0.09 -3.13 -14.96
C ILE A 171 -1.27 -2.93 -15.59
N ARG A 172 -2.28 -2.70 -14.74
CA ARG A 172 -3.68 -2.74 -15.11
C ARG A 172 -4.32 -1.37 -14.89
N ASP A 173 -5.08 -0.90 -15.87
CA ASP A 173 -5.92 0.27 -15.67
C ASP A 173 -7.04 -0.07 -14.71
N VAL A 174 -7.21 0.72 -13.64
CA VAL A 174 -8.26 0.51 -12.67
C VAL A 174 -8.84 1.86 -12.28
N ILE A 175 -9.82 1.82 -11.37
CA ILE A 175 -10.42 3.03 -10.83
C ILE A 175 -9.94 3.22 -9.41
N PHE A 176 -9.92 4.48 -8.99
CA PHE A 176 -9.47 4.91 -7.67
C PHE A 176 -10.61 5.75 -7.08
N ASP A 177 -11.04 5.43 -5.87
CA ASP A 177 -12.03 6.25 -5.18
C ASP A 177 -11.32 7.35 -4.41
N SER A 178 -11.89 8.55 -4.42
CA SER A 178 -11.32 9.68 -3.72
C SER A 178 -12.44 10.61 -3.30
N LEU A 179 -12.07 11.64 -2.54
CA LEU A 179 -13.05 12.64 -2.16
C LEU A 179 -13.12 13.80 -3.15
N LEU A 180 -12.34 13.77 -4.24
CA LEU A 180 -12.34 14.84 -5.22
C LEU A 180 -13.68 14.92 -5.93
N ASN A 181 -13.87 16.03 -6.66
CA ASN A 181 -15.18 16.35 -7.24
C ASN A 181 -15.50 15.61 -8.53
N PRO A 182 -14.60 14.79 -9.12
CA PRO A 182 -15.08 13.75 -10.03
C PRO A 182 -15.32 12.44 -9.29
N GLY A 183 -14.64 12.26 -8.15
CA GLY A 183 -14.85 11.09 -7.31
C GLY A 183 -14.02 9.88 -7.69
N ARG A 184 -14.48 9.15 -8.69
CA ARG A 184 -13.75 8.02 -9.25
C ARG A 184 -12.75 8.51 -10.29
N ARG A 185 -11.46 8.25 -10.05
CA ARG A 185 -10.38 8.70 -10.92
C ARG A 185 -9.68 7.50 -11.57
N GLN A 186 -8.88 7.81 -12.59
CA GLN A 186 -8.08 6.79 -13.28
C GLN A 186 -6.83 6.46 -12.48
N ALA A 187 -6.48 5.17 -12.44
CA ALA A 187 -5.32 4.71 -11.70
C ALA A 187 -4.71 3.50 -12.39
N TYR A 188 -3.49 3.17 -12.00
CA TYR A 188 -2.77 2.00 -12.49
C TYR A 188 -2.53 1.08 -11.29
N LEU A 189 -2.66 -0.22 -11.52
CA LEU A 189 -2.35 -1.21 -10.50
C LEU A 189 -1.22 -2.07 -11.02
N LEU A 190 -0.08 -2.02 -10.33
CA LEU A 190 1.05 -2.89 -10.60
C LEU A 190 0.89 -4.15 -9.76
N SER A 191 1.09 -5.30 -10.40
CA SER A 191 1.26 -6.56 -9.70
C SER A 191 2.64 -7.06 -10.04
N ALA A 192 3.41 -7.44 -9.02
CA ALA A 192 4.78 -7.84 -9.26
C ALA A 192 5.17 -8.85 -8.21
N THR A 193 6.19 -9.64 -8.53
CA THR A 193 6.75 -10.60 -7.60
C THR A 193 8.26 -10.42 -7.58
N ARG A 194 8.91 -11.07 -6.63
CA ARG A 194 10.36 -11.10 -6.62
C ARG A 194 10.87 -12.52 -6.91
#